data_4NAN
#
_entry.id   4NAN
#
_cell.length_a   75.120
_cell.length_b   75.120
_cell.length_c   224.130
_cell.angle_alpha   90.00
_cell.angle_beta   90.00
_cell.angle_gamma   120.00
#
_symmetry.space_group_name_H-M   'H 3 2'
#
loop_
_entity.id
_entity.type
_entity.pdbx_description
1 polymer '2-C-methyl-D-erythritol 4-phosphate cytidylyltransferase, chloroplastic'
2 non-polymer 2-bromo-6-(3,4,5-tribromo-1H-pyrrol-2-yl)phenol
3 non-polymer 2,3-DIHYDROXY-1,4-DITHIOBUTANE
4 non-polymer 'CADMIUM ION'
5 non-polymer 'POTASSIUM ION'
6 non-polymer 'CHLORIDE ION'
7 water water
#
_entity_poly.entity_id   1
_entity_poly.type   'polypeptide(L)'
_entity_poly.pdbx_seq_one_letter_code
;MEKSVSVILLAGGQGKRMKMSMPKQYIPLLGQPIALYSFFTFSRMPEVKEIVVVCDPFFRDIFEEYEESIDVDLSFAIPG
KERQDSVYSGLQEIDVNSELVCIHDSARPLVNTEDVEKVLKDGSAVGAAVLGVPAKATIKEVNSDSLVVKTLDRKTLWEM
QTPQVIKPELLKKGFELVKSEGLEVTDDVSIVEYLKHPVYVSQGSYTNIKVTTPDDLLLAERILSEDS
;
_entity_poly.pdbx_strand_id   A
#
# COMPACT_ATOMS: atom_id res chain seq x y z
N GLU A 2 -0.94 -7.50 18.20
CA GLU A 2 -0.26 -8.73 17.65
C GLU A 2 -1.27 -9.49 16.79
N LYS A 3 -0.88 -9.91 15.59
CA LYS A 3 -1.81 -10.59 14.67
C LYS A 3 -3.16 -9.88 14.45
N SER A 4 -3.17 -8.54 14.45
CA SER A 4 -4.35 -7.74 14.22
C SER A 4 -4.49 -7.11 12.79
N VAL A 5 -3.40 -7.12 12.06
CA VAL A 5 -3.28 -6.45 10.79
C VAL A 5 -3.27 -7.44 9.63
N SER A 6 -4.11 -7.16 8.64
CA SER A 6 -3.97 -7.89 7.34
C SER A 6 -3.34 -6.99 6.30
N VAL A 7 -2.29 -7.46 5.63
CA VAL A 7 -1.68 -6.74 4.59
C VAL A 7 -2.28 -7.14 3.27
N ILE A 8 -2.63 -6.17 2.44
CA ILE A 8 -2.99 -6.42 1.04
C ILE A 8 -1.78 -5.94 0.27
N LEU A 9 -1.07 -6.88 -0.33
CA LEU A 9 0.14 -6.55 -1.04
C LEU A 9 -0.11 -6.47 -2.58
N LEU A 10 -0.04 -5.27 -3.20
CA LEU A 10 -0.43 -5.13 -4.60
C LEU A 10 0.80 -5.51 -5.40
N ALA A 11 0.68 -6.64 -6.10
CA ALA A 11 1.81 -7.17 -6.89
C ALA A 11 1.39 -7.66 -8.31
N GLY A 12 0.49 -6.91 -8.96
CA GLY A 12 -0.13 -7.32 -10.26
C GLY A 12 -0.03 -6.34 -11.41
N PRO A 23 7.87 -7.48 -15.84
CA PRO A 23 6.92 -6.86 -14.88
C PRO A 23 7.70 -6.26 -13.69
N LYS A 24 7.51 -4.96 -13.43
CA LYS A 24 8.55 -4.15 -12.76
C LYS A 24 8.80 -4.50 -11.28
N GLN A 25 7.81 -5.11 -10.61
CA GLN A 25 7.93 -5.56 -9.20
C GLN A 25 8.49 -6.98 -9.02
N TYR A 26 8.84 -7.64 -10.11
CA TYR A 26 9.52 -8.94 -10.00
C TYR A 26 10.94 -8.87 -10.51
N ILE A 27 11.34 -7.73 -11.10
CA ILE A 27 12.74 -7.56 -11.52
C ILE A 27 13.62 -7.53 -10.26
N PRO A 28 14.80 -8.17 -10.31
CA PRO A 28 15.58 -8.29 -9.07
C PRO A 28 16.40 -7.09 -8.59
N LEU A 29 16.66 -7.13 -7.29
CA LEU A 29 17.37 -6.11 -6.58
C LEU A 29 18.29 -6.96 -5.65
N LEU A 30 19.61 -6.91 -5.85
CA LEU A 30 20.50 -7.90 -5.27
C LEU A 30 19.91 -9.31 -5.37
N GLY A 31 19.36 -9.66 -6.52
CA GLY A 31 18.93 -11.04 -6.75
C GLY A 31 17.70 -11.56 -6.06
N GLN A 32 16.91 -10.66 -5.49
CA GLN A 32 15.58 -10.98 -4.95
C GLN A 32 14.61 -10.08 -5.77
N PRO A 33 13.53 -10.65 -6.34
CA PRO A 33 12.49 -9.85 -6.92
C PRO A 33 11.98 -8.79 -5.88
N ILE A 34 11.96 -7.54 -6.33
CA ILE A 34 11.47 -6.36 -5.60
C ILE A 34 10.24 -6.66 -4.71
N ALA A 35 9.24 -7.38 -5.20
CA ALA A 35 8.05 -7.69 -4.43
C ALA A 35 8.36 -8.42 -3.13
N LEU A 36 9.47 -9.15 -3.06
CA LEU A 36 9.74 -9.88 -1.80
C LEU A 36 10.31 -9.09 -0.61
N TYR A 37 10.97 -7.98 -0.88
CA TYR A 37 11.50 -7.11 0.12
C TYR A 37 10.38 -6.71 1.09
N SER A 38 9.32 -6.08 0.61
CA SER A 38 8.28 -5.64 1.53
C SER A 38 7.48 -6.79 2.11
N PHE A 39 7.31 -7.84 1.30
CA PHE A 39 6.68 -9.02 1.75
C PHE A 39 7.32 -9.55 3.06
N PHE A 40 8.65 -9.60 3.04
CA PHE A 40 9.41 -10.08 4.20
C PHE A 40 9.37 -9.10 5.37
N THR A 41 9.48 -7.81 5.04
CA THR A 41 9.36 -6.77 6.08
C THR A 41 8.07 -6.92 6.84
N PHE A 42 6.93 -7.11 6.17
CA PHE A 42 5.64 -7.31 6.82
C PHE A 42 5.62 -8.63 7.56
N SER A 43 6.19 -9.69 6.97
CA SER A 43 6.08 -11.03 7.61
C SER A 43 6.79 -11.10 8.99
N ARG A 44 7.77 -10.24 9.22
CA ARG A 44 8.50 -10.19 10.51
C ARG A 44 7.83 -9.35 11.61
N MET A 45 6.77 -8.65 11.28
CA MET A 45 6.16 -7.80 12.27
C MET A 45 5.13 -8.56 13.01
N PRO A 46 5.26 -8.61 14.34
CA PRO A 46 4.31 -9.40 15.14
C PRO A 46 2.88 -8.94 14.96
N GLU A 47 2.66 -7.66 14.63
CA GLU A 47 1.31 -7.13 14.41
C GLU A 47 0.58 -7.82 13.21
N VAL A 48 1.36 -8.29 12.29
CA VAL A 48 0.83 -8.73 11.02
C VAL A 48 0.35 -10.21 11.14
N LYS A 49 -0.93 -10.45 10.97
CA LYS A 49 -1.47 -11.84 10.99
C LYS A 49 -1.34 -12.57 9.67
N GLU A 50 -1.60 -11.84 8.60
CA GLU A 50 -1.72 -12.42 7.25
C GLU A 50 -1.31 -11.44 6.19
N ILE A 51 -0.86 -11.97 5.07
CA ILE A 51 -0.59 -11.21 3.90
C ILE A 51 -1.40 -11.79 2.72
N VAL A 52 -2.24 -10.95 2.15
CA VAL A 52 -2.98 -11.22 0.94
C VAL A 52 -2.21 -10.62 -0.22
N VAL A 53 -1.58 -11.51 -1.05
CA VAL A 53 -0.88 -11.09 -2.23
C VAL A 53 -1.91 -11.09 -3.37
N VAL A 54 -1.93 -9.98 -4.10
CA VAL A 54 -2.86 -9.76 -5.18
C VAL A 54 -1.92 -9.82 -6.35
N CYS A 55 -1.89 -10.98 -7.01
CA CYS A 55 -0.99 -11.12 -8.18
C CYS A 55 -1.61 -12.10 -9.18
N ASP A 56 -1.16 -11.96 -10.40
CA ASP A 56 -1.51 -12.94 -11.42
C ASP A 56 -1.14 -14.36 -10.92
N PRO A 57 -2.04 -15.37 -11.03
CA PRO A 57 -1.69 -16.69 -10.51
C PRO A 57 -0.34 -17.27 -11.00
N PHE A 58 0.23 -16.72 -12.08
CA PHE A 58 1.57 -17.10 -12.58
C PHE A 58 2.54 -17.07 -11.40
N PHE A 59 2.79 -15.85 -10.89
CA PHE A 59 3.83 -15.61 -9.86
C PHE A 59 3.49 -16.00 -8.42
N ARG A 60 2.43 -16.77 -8.20
CA ARG A 60 2.09 -17.26 -6.89
C ARG A 60 3.23 -17.96 -6.21
N ASP A 61 4.01 -18.70 -7.01
CA ASP A 61 5.08 -19.50 -6.45
C ASP A 61 6.20 -18.65 -5.89
N ILE A 62 6.43 -17.45 -6.48
CA ILE A 62 7.44 -16.49 -6.00
C ILE A 62 7.28 -16.26 -4.49
N PHE A 63 6.04 -16.27 -3.99
CA PHE A 63 5.66 -16.14 -2.57
C PHE A 63 5.42 -17.46 -1.82
N GLU A 64 4.68 -18.41 -2.43
CA GLU A 64 4.29 -19.68 -1.70
C GLU A 64 5.58 -20.45 -1.35
N GLU A 65 6.66 -20.24 -2.08
CA GLU A 65 7.91 -20.85 -1.66
C GLU A 65 8.24 -20.61 -0.18
N TYR A 66 7.83 -19.48 0.40
CA TYR A 66 8.33 -19.12 1.74
C TYR A 66 7.29 -19.26 2.77
N GLU A 67 6.16 -19.78 2.35
CA GLU A 67 5.03 -19.85 3.21
C GLU A 67 5.33 -20.51 4.51
N GLU A 68 6.21 -21.50 4.46
CA GLU A 68 6.46 -22.33 5.64
C GLU A 68 7.44 -21.67 6.64
N SER A 69 8.31 -20.78 6.15
CA SER A 69 9.29 -20.13 7.02
C SER A 69 8.76 -18.85 7.64
N ILE A 70 8.01 -18.06 6.87
CA ILE A 70 7.45 -16.80 7.40
C ILE A 70 6.43 -17.01 8.51
N ASP A 71 6.26 -16.00 9.37
CA ASP A 71 5.44 -16.13 10.54
C ASP A 71 4.06 -15.44 10.37
N VAL A 72 3.54 -15.48 9.16
CA VAL A 72 2.20 -14.98 8.89
C VAL A 72 1.44 -15.96 8.03
N ASP A 73 0.10 -15.91 8.05
CA ASP A 73 -0.71 -16.64 7.05
C ASP A 73 -0.62 -15.97 5.73
N LEU A 74 -0.58 -16.74 4.66
CA LEU A 74 -0.53 -16.25 3.32
C LEU A 74 -1.80 -16.60 2.54
N SER A 75 -2.26 -15.65 1.73
CA SER A 75 -3.47 -15.82 1.01
C SER A 75 -3.30 -15.16 -0.31
N PHE A 76 -4.18 -15.53 -1.25
CA PHE A 76 -4.08 -14.98 -2.57
C PHE A 76 -5.37 -14.48 -3.14
N ALA A 77 -5.25 -13.45 -3.94
CA ALA A 77 -6.41 -12.87 -4.61
C ALA A 77 -6.01 -12.46 -5.99
N ILE A 78 -7.01 -12.40 -6.88
CA ILE A 78 -6.80 -12.06 -8.24
C ILE A 78 -6.92 -10.57 -8.47
N PRO A 79 -6.00 -10.01 -9.26
CA PRO A 79 -6.05 -8.61 -9.65
C PRO A 79 -7.32 -8.23 -10.44
N GLY A 80 -7.62 -6.95 -10.40
CA GLY A 80 -8.68 -6.40 -11.21
C GLY A 80 -8.16 -5.41 -12.21
N LYS A 81 -9.12 -4.77 -12.85
CA LYS A 81 -8.90 -3.79 -13.88
C LYS A 81 -7.99 -2.68 -13.38
N GLU A 82 -8.42 -2.00 -12.31
CA GLU A 82 -7.69 -0.86 -11.78
C GLU A 82 -7.30 -1.13 -10.34
N ARG A 83 -6.45 -0.29 -9.78
CA ARG A 83 -5.87 -0.53 -8.46
C ARG A 83 -6.98 -0.73 -7.41
N GLN A 84 -8.06 0.04 -7.49
CA GLN A 84 -9.13 -0.11 -6.47
C GLN A 84 -9.87 -1.48 -6.58
N ASP A 85 -9.97 -2.02 -7.79
CA ASP A 85 -10.51 -3.35 -7.97
C ASP A 85 -9.65 -4.44 -7.30
N SER A 86 -8.35 -4.26 -7.41
CA SER A 86 -7.39 -5.20 -6.83
C SER A 86 -7.43 -5.11 -5.32
N VAL A 87 -7.66 -3.92 -4.78
CA VAL A 87 -7.78 -3.80 -3.32
C VAL A 87 -9.06 -4.49 -2.90
N TYR A 88 -10.18 -4.28 -3.64
CA TYR A 88 -11.43 -4.87 -3.27
C TYR A 88 -11.27 -6.40 -3.28
N SER A 89 -10.54 -6.90 -4.29
CA SER A 89 -10.30 -8.34 -4.47
C SER A 89 -9.52 -8.95 -3.26
N GLY A 90 -8.45 -8.27 -2.88
CA GLY A 90 -7.73 -8.54 -1.63
C GLY A 90 -8.56 -8.47 -0.40
N LEU A 91 -9.35 -7.39 -0.26
CA LEU A 91 -10.24 -7.29 0.89
C LEU A 91 -11.18 -8.49 1.10
N GLN A 92 -11.66 -9.08 0.01
CA GLN A 92 -12.56 -10.21 0.13
C GLN A 92 -11.90 -11.46 0.79
N GLU A 93 -10.58 -11.45 0.89
CA GLU A 93 -9.80 -12.60 1.47
C GLU A 93 -9.24 -12.36 2.86
N ILE A 94 -9.32 -11.12 3.36
CA ILE A 94 -8.84 -10.94 4.76
C ILE A 94 -9.65 -11.61 5.84
N ASP A 95 -9.01 -11.81 7.01
CA ASP A 95 -9.56 -12.45 8.14
C ASP A 95 -10.76 -11.71 8.73
N VAL A 96 -11.78 -12.47 9.09
CA VAL A 96 -13.03 -11.86 9.51
C VAL A 96 -12.82 -10.89 10.71
N ASN A 97 -11.77 -11.12 11.51
CA ASN A 97 -11.51 -10.33 12.71
C ASN A 97 -10.30 -9.39 12.64
N SER A 98 -9.70 -9.10 11.48
CA SER A 98 -8.55 -8.22 11.52
CA SER A 98 -8.55 -8.23 11.54
C SER A 98 -9.05 -6.81 11.87
N GLU A 99 -8.20 -6.06 12.54
CA GLU A 99 -8.55 -4.73 13.01
C GLU A 99 -8.11 -3.63 12.04
N LEU A 100 -7.16 -3.93 11.16
CA LEU A 100 -6.60 -2.97 10.26
C LEU A 100 -6.25 -3.68 8.95
N VAL A 101 -6.48 -3.02 7.85
CA VAL A 101 -6.02 -3.41 6.55
C VAL A 101 -4.81 -2.52 6.17
N CYS A 102 -3.71 -3.12 5.71
CA CYS A 102 -2.51 -2.36 5.37
C CYS A 102 -2.25 -2.65 3.88
N ILE A 103 -2.50 -1.68 3.04
CA ILE A 103 -2.39 -1.81 1.60
C ILE A 103 -1.02 -1.29 1.18
N HIS A 104 -0.25 -2.12 0.47
CA HIS A 104 1.03 -1.77 0.09
C HIS A 104 1.36 -2.08 -1.37
N ASP A 105 2.01 -1.15 -2.03
CA ASP A 105 2.44 -1.29 -3.41
C ASP A 105 3.78 -2.05 -3.36
N SER A 106 3.82 -3.25 -3.91
CA SER A 106 5.06 -4.05 -3.89
C SER A 106 6.20 -3.40 -4.65
N ALA A 107 5.91 -2.37 -5.43
CA ALA A 107 7.01 -1.59 -6.08
C ALA A 107 7.70 -0.60 -5.15
N ARG A 108 7.35 -0.62 -3.86
CA ARG A 108 8.06 0.11 -2.88
C ARG A 108 8.79 -0.86 -1.92
N PRO A 109 9.99 -1.33 -2.30
CA PRO A 109 10.68 -2.40 -1.54
C PRO A 109 11.31 -1.99 -0.27
N LEU A 110 11.66 -0.71 -0.20
CA LEU A 110 12.56 -0.23 0.85
C LEU A 110 11.82 0.36 2.04
N VAL A 111 10.49 0.17 2.12
CA VAL A 111 9.77 0.72 3.30
C VAL A 111 10.41 0.12 4.56
N ASN A 112 10.75 0.96 5.55
CA ASN A 112 11.37 0.59 6.84
C ASN A 112 10.38 0.06 7.80
N THR A 113 10.79 -0.94 8.59
CA THR A 113 9.89 -1.43 9.60
C THR A 113 9.40 -0.31 10.54
N GLU A 114 10.29 0.61 10.90
CA GLU A 114 9.90 1.66 11.83
C GLU A 114 8.79 2.54 11.27
N ASP A 115 8.81 2.79 9.95
CA ASP A 115 7.76 3.63 9.28
C ASP A 115 6.46 2.89 9.16
N VAL A 116 6.51 1.55 8.94
CA VAL A 116 5.33 0.74 8.90
C VAL A 116 4.70 0.74 10.32
N GLU A 117 5.51 0.61 11.37
CA GLU A 117 4.99 0.64 12.76
C GLU A 117 4.30 1.98 12.98
N LYS A 118 4.89 3.04 12.50
CA LYS A 118 4.25 4.37 12.67
C LYS A 118 2.89 4.53 12.01
N VAL A 119 2.77 4.15 10.73
CA VAL A 119 1.53 4.26 10.04
C VAL A 119 0.49 3.25 10.57
N LEU A 120 0.93 2.08 11.01
CA LEU A 120 -0.05 1.18 11.69
C LEU A 120 -0.65 1.82 12.96
N LYS A 121 0.20 2.43 13.73
CA LYS A 121 -0.24 3.05 14.95
C LYS A 121 -1.19 4.19 14.67
N ASP A 122 -0.89 5.02 13.69
CA ASP A 122 -1.73 6.11 13.32
C ASP A 122 -3.06 5.71 12.73
N GLY A 123 -3.08 4.60 11.93
CA GLY A 123 -4.29 4.08 11.32
C GLY A 123 -5.15 3.53 12.44
N SER A 124 -4.50 2.85 13.38
CA SER A 124 -5.25 2.29 14.54
C SER A 124 -5.92 3.39 15.36
N ALA A 125 -5.21 4.50 15.51
CA ALA A 125 -5.73 5.66 16.26
C ALA A 125 -6.76 6.49 15.56
N VAL A 126 -6.54 6.78 14.29
CA VAL A 126 -7.38 7.61 13.54
C VAL A 126 -8.46 6.92 12.71
N GLY A 127 -8.15 5.67 12.27
CA GLY A 127 -9.06 4.92 11.43
C GLY A 127 -8.51 4.76 10.00
N ALA A 128 -7.70 5.73 9.56
CA ALA A 128 -7.11 5.73 8.21
C ALA A 128 -5.82 6.59 8.29
N ALA A 129 -4.73 6.09 7.72
CA ALA A 129 -3.38 6.78 7.75
C ALA A 129 -2.61 6.35 6.52
N VAL A 130 -1.70 7.24 6.07
CA VAL A 130 -0.88 6.98 4.93
C VAL A 130 0.52 7.52 5.23
N LEU A 131 1.53 6.79 4.81
CA LEU A 131 2.89 7.28 4.91
C LEU A 131 3.08 8.33 3.83
N GLY A 132 3.61 9.47 4.22
CA GLY A 132 3.88 10.58 3.26
C GLY A 132 5.15 11.28 3.61
N VAL A 133 5.71 12.07 2.66
CA VAL A 133 6.83 12.95 2.95
C VAL A 133 6.58 14.38 2.35
N PRO A 134 7.18 15.39 2.94
CA PRO A 134 7.00 16.73 2.35
C PRO A 134 7.49 16.74 0.89
N ALA A 135 6.74 17.35 -0.01
CA ALA A 135 7.09 17.31 -1.40
C ALA A 135 8.29 18.22 -1.58
N LYS A 136 9.37 17.69 -2.13
CA LYS A 136 10.64 18.44 -2.28
C LYS A 136 10.51 19.40 -3.45
N ALA A 137 9.81 19.03 -4.52
CA ALA A 137 9.63 20.03 -5.62
C ALA A 137 8.75 21.23 -5.22
N THR A 138 8.92 22.32 -5.97
CA THR A 138 8.00 23.44 -5.95
C THR A 138 6.77 23.14 -6.77
N ILE A 139 5.63 22.94 -6.08
CA ILE A 139 4.42 22.44 -6.74
C ILE A 139 3.36 23.53 -6.70
N LYS A 140 2.59 23.66 -7.76
CA LYS A 140 1.62 24.74 -7.74
C LYS A 140 0.37 24.26 -8.37
N GLU A 141 -0.74 24.82 -7.92
CA GLU A 141 -1.98 24.59 -8.60
C GLU A 141 -2.10 25.48 -9.81
N VAL A 142 -2.50 24.87 -10.92
CA VAL A 142 -2.76 25.51 -12.17
C VAL A 142 -4.24 25.30 -12.62
N ASN A 143 -4.89 26.37 -13.06
CA ASN A 143 -6.28 26.32 -13.50
C ASN A 143 -6.37 25.91 -14.95
N SER A 144 -7.58 25.88 -15.49
CA SER A 144 -7.79 25.38 -16.84
C SER A 144 -7.30 26.34 -17.91
N ASP A 145 -7.02 27.58 -17.52
CA ASP A 145 -6.39 28.46 -18.50
C ASP A 145 -4.85 28.44 -18.45
N SER A 146 -4.28 27.51 -17.68
CA SER A 146 -2.80 27.32 -17.49
C SER A 146 -2.14 28.42 -16.67
N LEU A 147 -2.89 29.08 -15.81
CA LEU A 147 -2.37 30.10 -14.93
C LEU A 147 -2.21 29.56 -13.57
N VAL A 148 -1.18 30.04 -12.88
CA VAL A 148 -0.94 29.64 -11.53
C VAL A 148 -2.12 30.19 -10.70
N VAL A 149 -2.68 29.33 -9.84
CA VAL A 149 -3.78 29.68 -8.95
C VAL A 149 -3.08 30.12 -7.67
N LYS A 150 -3.20 31.38 -7.28
CA LYS A 150 -2.34 31.93 -6.22
C LYS A 150 -2.96 31.77 -4.83
N THR A 156 0.48 23.35 3.04
CA THR A 156 1.64 22.45 2.89
C THR A 156 1.31 21.13 2.14
N LEU A 157 2.13 20.80 1.13
CA LEU A 157 1.95 19.66 0.25
C LEU A 157 2.82 18.47 0.59
N TRP A 158 2.26 17.27 0.46
CA TRP A 158 3.00 16.07 0.85
C TRP A 158 2.86 15.07 -0.28
N GLU A 159 3.88 14.26 -0.53
CA GLU A 159 3.84 13.19 -1.46
C GLU A 159 3.34 11.94 -0.72
N MET A 160 2.33 11.27 -1.21
CA MET A 160 1.80 10.07 -0.54
C MET A 160 2.59 8.85 -1.00
N GLN A 161 2.98 8.01 -0.05
CA GLN A 161 3.57 6.72 -0.45
C GLN A 161 2.60 5.59 -0.02
N THR A 162 3.11 4.38 0.26
CA THR A 162 2.32 3.32 0.87
C THR A 162 3.27 2.71 1.93
N PRO A 163 2.75 2.03 2.99
CA PRO A 163 1.35 1.67 3.17
C PRO A 163 0.34 2.78 3.30
N GLN A 164 -0.86 2.42 2.93
CA GLN A 164 -2.14 3.08 3.26
C GLN A 164 -2.90 2.11 4.18
N VAL A 165 -3.23 2.58 5.39
CA VAL A 165 -3.72 1.78 6.49
C VAL A 165 -5.14 2.24 6.79
N ILE A 166 -6.08 1.30 6.90
CA ILE A 166 -7.47 1.64 7.05
C ILE A 166 -8.20 0.54 7.81
N LYS A 167 -9.08 0.90 8.72
CA LYS A 167 -9.91 -0.10 9.41
C LYS A 167 -10.88 -0.77 8.39
N PRO A 168 -11.04 -2.09 8.49
CA PRO A 168 -11.80 -2.75 7.43
C PRO A 168 -13.24 -2.25 7.23
N GLU A 169 -13.98 -1.93 8.31
CA GLU A 169 -15.34 -1.34 8.22
C GLU A 169 -15.41 -0.07 7.36
N LEU A 170 -14.43 0.80 7.57
CA LEU A 170 -14.32 2.01 6.82
C LEU A 170 -14.05 1.76 5.35
N LEU A 171 -13.14 0.87 5.05
CA LEU A 171 -12.86 0.53 3.63
C LEU A 171 -14.09 0.04 2.91
N LYS A 172 -14.76 -0.91 3.56
CA LYS A 172 -16.00 -1.52 3.03
C LYS A 172 -17.05 -0.45 2.87
N LYS A 173 -17.21 0.44 3.85
CA LYS A 173 -18.18 1.51 3.69
C LYS A 173 -17.80 2.41 2.51
N GLY A 174 -16.51 2.66 2.34
CA GLY A 174 -16.01 3.43 1.23
C GLY A 174 -16.29 2.83 -0.14
N PHE A 175 -16.09 1.52 -0.29
CA PHE A 175 -16.45 0.82 -1.53
C PHE A 175 -17.97 0.90 -1.81
N GLU A 176 -18.79 0.71 -0.78
CA GLU A 176 -20.27 0.83 -0.92
C GLU A 176 -20.74 2.22 -1.36
N LEU A 177 -20.13 3.27 -0.83
CA LEU A 177 -20.44 4.64 -1.24
C LEU A 177 -20.17 4.86 -2.72
N VAL A 178 -19.03 4.36 -3.19
CA VAL A 178 -18.66 4.57 -4.58
C VAL A 178 -19.60 3.82 -5.53
N LYS A 179 -19.90 2.58 -5.19
CA LYS A 179 -20.79 1.75 -6.01
C LYS A 179 -22.22 2.31 -5.98
N SER A 180 -22.71 2.58 -4.78
CA SER A 180 -24.04 3.16 -4.54
C SER A 180 -24.33 4.46 -5.29
N GLU A 181 -23.30 5.25 -5.61
CA GLU A 181 -23.50 6.52 -6.28
C GLU A 181 -22.71 6.66 -7.57
N GLY A 182 -22.21 5.54 -8.10
CA GLY A 182 -21.28 5.55 -9.22
C GLY A 182 -20.33 6.74 -9.16
N LEU A 183 -19.57 6.88 -8.08
CA LEU A 183 -18.56 7.94 -7.97
C LEU A 183 -17.34 7.58 -8.80
N GLU A 184 -16.51 8.59 -9.07
CA GLU A 184 -15.32 8.42 -9.91
C GLU A 184 -14.08 8.37 -9.02
N VAL A 185 -13.34 7.27 -9.12
CA VAL A 185 -12.11 7.09 -8.38
C VAL A 185 -11.00 7.42 -9.36
N THR A 186 -10.41 8.60 -9.18
CA THR A 186 -9.17 8.98 -9.86
C THR A 186 -8.02 8.59 -8.87
N ASP A 187 -6.76 8.66 -9.30
CA ASP A 187 -5.62 8.39 -8.39
C ASP A 187 -5.69 9.34 -7.18
N ASP A 188 -6.06 10.59 -7.45
CA ASP A 188 -6.08 11.67 -6.46
C ASP A 188 -7.50 11.99 -5.90
N VAL A 189 -8.56 11.50 -6.54
CA VAL A 189 -9.84 11.37 -5.83
C VAL A 189 -9.92 9.91 -5.38
N SER A 190 -9.37 9.69 -4.21
CA SER A 190 -9.48 8.45 -3.57
C SER A 190 -10.92 8.27 -3.05
N ILE A 191 -11.19 7.01 -2.83
CA ILE A 191 -12.28 6.56 -1.98
C ILE A 191 -12.35 7.26 -0.64
N VAL A 192 -11.21 7.47 0.02
CA VAL A 192 -11.22 8.12 1.34
C VAL A 192 -11.52 9.61 1.28
N GLU A 193 -11.25 10.23 0.14
CA GLU A 193 -11.60 11.64 0.01
C GLU A 193 -13.13 11.81 -0.02
N TYR A 194 -13.85 10.75 -0.36
CA TYR A 194 -15.35 10.80 -0.34
C TYR A 194 -15.92 10.64 1.05
N LEU A 195 -15.17 9.96 1.93
CA LEU A 195 -15.63 9.76 3.31
C LEU A 195 -15.37 11.03 4.12
N LYS A 196 -16.16 11.22 5.16
CA LYS A 196 -15.93 12.34 6.09
C LYS A 196 -14.93 11.96 7.17
N HIS A 197 -14.45 10.74 7.13
CA HIS A 197 -13.65 10.23 8.21
C HIS A 197 -12.21 10.76 7.97
N PRO A 198 -11.53 11.18 8.99
CA PRO A 198 -10.23 11.81 8.75
C PRO A 198 -9.11 10.82 8.29
N VAL A 199 -8.14 11.30 7.52
CA VAL A 199 -6.98 10.47 7.13
C VAL A 199 -5.70 11.13 7.63
N TYR A 200 -4.96 10.47 8.47
CA TYR A 200 -3.75 10.92 8.98
C TYR A 200 -2.53 10.65 8.06
N VAL A 201 -1.63 11.64 7.99
CA VAL A 201 -0.40 11.47 7.21
C VAL A 201 0.77 11.32 8.16
N SER A 202 1.28 10.08 8.22
CA SER A 202 2.38 9.67 9.01
C SER A 202 3.67 10.03 8.27
N GLN A 203 4.56 10.73 8.94
CA GLN A 203 5.80 11.15 8.24
C GLN A 203 6.76 9.97 8.01
N GLY A 204 6.98 9.66 6.75
CA GLY A 204 7.89 8.60 6.35
C GLY A 204 9.28 9.06 6.00
N SER A 205 9.92 8.25 5.17
CA SER A 205 11.28 8.48 4.73
C SER A 205 11.34 8.63 3.25
N TYR A 206 12.19 9.55 2.83
CA TYR A 206 12.42 9.76 1.41
C TYR A 206 12.98 8.53 0.75
N THR A 207 13.54 7.60 1.54
CA THR A 207 14.07 6.37 0.93
C THR A 207 13.04 5.36 0.46
N ASN A 208 11.77 5.60 0.80
CA ASN A 208 10.66 4.73 0.42
C ASN A 208 10.21 5.02 -0.97
N ILE A 209 11.12 4.90 -1.94
CA ILE A 209 10.77 5.11 -3.33
C ILE A 209 10.02 4.00 -4.03
N LYS A 210 9.36 4.38 -5.11
CA LYS A 210 8.70 3.45 -5.96
C LYS A 210 9.64 3.14 -7.15
N VAL A 211 9.74 1.85 -7.48
CA VAL A 211 10.57 1.36 -8.58
C VAL A 211 9.80 1.23 -9.91
N THR A 212 10.23 2.04 -10.86
CA THR A 212 9.63 2.07 -12.20
C THR A 212 10.67 2.33 -13.35
N THR A 213 11.94 2.58 -13.01
CA THR A 213 13.00 2.87 -13.99
C THR A 213 14.30 2.18 -13.55
N PRO A 214 15.25 1.98 -14.48
CA PRO A 214 16.55 1.44 -14.08
C PRO A 214 17.29 2.39 -13.16
N ASP A 215 17.07 3.70 -13.34
CA ASP A 215 17.73 4.68 -12.50
C ASP A 215 17.16 4.65 -11.06
N ASP A 216 15.86 4.33 -10.96
CA ASP A 216 15.21 3.98 -9.66
C ASP A 216 15.94 2.77 -9.04
N LEU A 217 16.11 1.73 -9.83
CA LEU A 217 16.81 0.53 -9.38
C LEU A 217 18.28 0.75 -8.99
N LEU A 218 18.96 1.72 -9.62
CA LEU A 218 20.31 2.11 -9.13
C LEU A 218 20.23 2.79 -7.76
N LEU A 219 19.23 3.66 -7.61
CA LEU A 219 18.96 4.29 -6.32
C LEU A 219 18.66 3.21 -5.29
N ALA A 220 17.78 2.28 -5.63
CA ALA A 220 17.42 1.18 -4.73
C ALA A 220 18.67 0.52 -4.13
N GLU A 221 19.54 0.03 -5.01
CA GLU A 221 20.83 -0.56 -4.58
C GLU A 221 21.76 0.43 -3.85
N ARG A 222 21.84 1.66 -4.34
CA ARG A 222 22.60 2.70 -3.63
C ARG A 222 22.13 2.80 -2.15
N ILE A 223 20.81 2.76 -1.94
CA ILE A 223 20.15 2.81 -0.61
C ILE A 223 20.33 1.54 0.27
N LEU A 224 20.10 0.36 -0.31
CA LEU A 224 20.31 -0.90 0.44
C LEU A 224 21.79 -1.05 0.84
#